data_3ZXC
#
_entry.id   3ZXC
#
_cell.length_a   49.460
_cell.length_b   49.460
_cell.length_c   121.499
_cell.angle_alpha   90.00
_cell.angle_beta   90.00
_cell.angle_gamma   120.00
#
_symmetry.space_group_name_H-M   'P 31 2 1'
#
loop_
_entity.id
_entity.type
_entity.pdbx_description
1 polymer 'SINGLE INSULIN-LIKE GROWTH FACTOR-BINDING DOMAIN PROTEIN-1'
2 non-polymer 'ACETATE ION'
3 water water
#
_entity_poly.entity_id   1
_entity_poly.type   'polypeptide(L)'
_entity_poly.pdbx_seq_one_letter_code
;FTCPECRPELCGDPGYCEYGTTKDACDCCPVCFQGPGGYCGGPEDVFGICADGFACVPLVGERDSQDPIVGTCVKIP
;
_entity_poly.pdbx_strand_id   A,B
#
loop_
_chem_comp.id
_chem_comp.type
_chem_comp.name
_chem_comp.formula
ACT non-polymer 'ACETATE ION' 'C2 H3 O2 -1'
#
# COMPACT_ATOMS: atom_id res chain seq x y z
N PHE A 1 -5.39 -13.96 4.36
CA PHE A 1 -4.25 -13.34 5.10
C PHE A 1 -4.68 -12.84 6.48
N THR A 2 -3.86 -13.12 7.50
CA THR A 2 -4.16 -12.68 8.88
C THR A 2 -3.18 -11.62 9.43
N CYS A 3 -3.77 -10.63 10.10
CA CYS A 3 -3.08 -9.38 10.50
C CYS A 3 -2.32 -9.50 11.80
N PRO A 4 -1.18 -8.81 11.90
CA PRO A 4 -0.47 -8.82 13.18
C PRO A 4 -1.17 -7.91 14.17
N GLU A 5 -0.80 -8.01 15.43
CA GLU A 5 -1.27 -7.08 16.42
C GLU A 5 -0.71 -5.71 16.06
N CYS A 6 -1.58 -4.72 16.03
CA CYS A 6 -1.22 -3.40 15.54
C CYS A 6 -0.32 -2.64 16.51
N ARG A 7 0.82 -2.19 15.99
CA ARG A 7 1.73 -1.34 16.74
C ARG A 7 1.88 -0.06 15.93
N PRO A 8 1.06 0.96 16.23
CA PRO A 8 1.02 2.18 15.42
C PRO A 8 2.38 2.86 15.20
N GLU A 9 3.29 2.69 16.14
CA GLU A 9 4.60 3.31 16.04
C GLU A 9 5.40 2.79 14.83
N LEU A 10 5.01 1.63 14.31
CA LEU A 10 5.70 1.01 13.18
C LEU A 10 5.15 1.48 11.82
N CYS A 11 4.06 2.23 11.87
CA CYS A 11 3.44 2.76 10.67
C CYS A 11 4.21 3.97 10.15
N GLY A 12 4.45 4.02 8.85
CA GLY A 12 5.01 5.22 8.22
C GLY A 12 3.92 6.25 8.00
N ASP A 13 4.23 7.52 8.21
CA ASP A 13 3.25 8.59 8.03
C ASP A 13 2.75 8.58 6.59
N PRO A 14 1.47 8.83 6.39
CA PRO A 14 0.90 8.77 5.03
C PRO A 14 1.14 10.02 4.19
N GLY A 15 1.68 11.07 4.80
CA GLY A 15 1.76 12.37 4.16
C GLY A 15 0.39 13.05 4.16
N TYR A 16 0.28 14.16 3.44
CA TYR A 16 -1.00 14.83 3.34
C TYR A 16 -1.96 14.01 2.47
N CYS A 17 -3.17 13.80 3.00
CA CYS A 17 -4.19 13.02 2.30
C CYS A 17 -5.23 13.97 1.71
N GLU A 18 -5.05 14.26 0.43
CA GLU A 18 -5.88 15.23 -0.27
C GLU A 18 -7.36 14.84 -0.24
N TYR A 19 -7.64 13.55 -0.28
CA TYR A 19 -9.01 13.08 -0.45
C TYR A 19 -9.56 12.48 0.85
N GLY A 20 -8.81 12.64 1.93
CA GLY A 20 -9.19 12.07 3.21
C GLY A 20 -8.33 10.88 3.61
N THR A 21 -8.44 10.48 4.88
CA THR A 21 -7.62 9.43 5.47
C THR A 21 -8.50 8.29 5.97
N THR A 22 -7.98 7.08 5.86
CA THR A 22 -8.65 5.92 6.42
C THR A 22 -7.52 5.03 6.97
N LYS A 23 -7.84 3.82 7.41
CA LYS A 23 -6.81 2.90 7.86
C LYS A 23 -6.69 1.72 6.90
N ASP A 24 -5.57 1.02 6.98
CA ASP A 24 -5.26 -0.15 6.15
C ASP A 24 -6.16 -1.34 6.49
N ALA A 25 -6.02 -2.39 5.71
CA ALA A 25 -6.91 -3.55 5.79
C ALA A 25 -6.84 -4.21 7.16
N CYS A 26 -5.78 -3.93 7.91
CA CYS A 26 -5.65 -4.47 9.25
C CYS A 26 -6.12 -3.50 10.32
N ASP A 27 -6.78 -2.43 9.88
CA ASP A 27 -7.32 -1.41 10.77
C ASP A 27 -6.22 -0.84 11.66
N CYS A 28 -5.03 -0.69 11.09
CA CYS A 28 -3.85 -0.33 11.87
C CYS A 28 -3.24 1.02 11.44
N CYS A 29 -2.60 1.05 10.28
CA CYS A 29 -1.91 2.25 9.84
C CYS A 29 -2.80 3.16 9.03
N PRO A 30 -2.72 4.47 9.30
CA PRO A 30 -3.40 5.45 8.45
C PRO A 30 -2.90 5.37 7.02
N VAL A 31 -3.82 5.52 6.07
CA VAL A 31 -3.50 5.56 4.65
C VAL A 31 -4.39 6.57 3.96
N CYS A 32 -3.89 7.22 2.92
CA CYS A 32 -4.68 8.16 2.17
C CYS A 32 -5.65 7.46 1.23
N PHE A 33 -6.86 8.00 1.14
CA PHE A 33 -7.79 7.58 0.11
C PHE A 33 -7.24 7.94 -1.26
N GLN A 34 -7.52 7.06 -2.22
CA GLN A 34 -7.30 7.33 -3.63
C GLN A 34 -8.36 8.30 -4.14
N GLY A 35 -7.96 9.20 -5.03
CA GLY A 35 -8.89 10.11 -5.67
C GLY A 35 -9.62 9.53 -6.88
N PRO A 36 -10.56 10.31 -7.43
CA PRO A 36 -11.31 9.87 -8.60
C PRO A 36 -10.39 9.52 -9.77
N GLY A 37 -10.69 8.41 -10.44
CA GLY A 37 -9.99 8.01 -11.64
C GLY A 37 -8.72 7.24 -11.38
N GLY A 38 -8.34 7.11 -10.11
CA GLY A 38 -7.13 6.38 -9.74
C GLY A 38 -7.38 4.92 -9.43
N TYR A 39 -6.34 4.11 -9.59
CA TYR A 39 -6.40 2.69 -9.29
C TYR A 39 -6.93 2.40 -7.88
N CYS A 40 -7.64 1.30 -7.73
CA CYS A 40 -8.06 0.83 -6.42
C CYS A 40 -8.16 -0.68 -6.42
N GLY A 41 -8.16 -1.28 -5.24
CA GLY A 41 -8.39 -2.70 -5.11
C GLY A 41 -7.15 -3.55 -5.09
N GLY A 42 -7.29 -4.78 -5.58
CA GLY A 42 -6.26 -5.78 -5.48
C GLY A 42 -6.23 -6.34 -4.09
N PRO A 43 -5.30 -7.28 -3.83
CA PRO A 43 -5.18 -7.90 -2.50
C PRO A 43 -5.00 -6.84 -1.41
N GLU A 44 -5.85 -6.90 -0.38
CA GLU A 44 -5.76 -5.96 0.74
C GLU A 44 -5.82 -4.51 0.28
N ASP A 45 -6.49 -4.24 -0.84
CA ASP A 45 -6.61 -2.89 -1.41
C ASP A 45 -5.27 -2.22 -1.66
N VAL A 46 -4.29 -3.05 -2.00
CA VAL A 46 -2.92 -2.60 -2.20
C VAL A 46 -2.81 -1.47 -3.22
N PHE A 47 -3.66 -1.51 -4.24
CA PHE A 47 -3.60 -0.49 -5.29
C PHE A 47 -4.42 0.76 -5.03
N GLY A 48 -5.18 0.76 -3.93
CA GLY A 48 -5.85 1.96 -3.46
C GLY A 48 -7.18 1.69 -2.80
N ILE A 49 -7.60 2.63 -1.95
CA ILE A 49 -8.90 2.58 -1.29
C ILE A 49 -9.66 3.84 -1.65
N CYS A 50 -10.85 3.70 -2.20
CA CYS A 50 -11.62 4.87 -2.63
C CYS A 50 -12.23 5.61 -1.45
N ALA A 51 -12.33 6.92 -1.60
CA ALA A 51 -12.88 7.79 -0.57
C ALA A 51 -14.38 7.56 -0.40
N ASP A 52 -14.92 8.06 0.71
CA ASP A 52 -16.34 7.96 0.95
C ASP A 52 -17.07 8.66 -0.19
N GLY A 53 -18.15 8.03 -0.69
CA GLY A 53 -18.90 8.56 -1.80
C GLY A 53 -18.42 8.05 -3.15
N PHE A 54 -17.35 7.25 -3.13
CA PHE A 54 -16.76 6.72 -4.35
C PHE A 54 -16.71 5.20 -4.25
N ALA A 55 -16.81 4.54 -5.41
CA ALA A 55 -16.78 3.08 -5.48
C ALA A 55 -15.60 2.65 -6.33
N CYS A 56 -15.01 1.52 -5.97
CA CYS A 56 -13.99 0.90 -6.80
C CYS A 56 -14.66 0.10 -7.92
N VAL A 57 -14.67 0.69 -9.12
CA VAL A 57 -15.32 0.09 -10.26
C VAL A 57 -14.31 -0.67 -11.11
N PRO A 58 -14.58 -1.96 -11.35
CA PRO A 58 -13.60 -2.79 -12.06
C PRO A 58 -13.08 -2.19 -13.37
N LEU A 59 -11.78 -2.38 -13.60
CA LEU A 59 -11.18 -2.05 -14.88
C LEU A 59 -11.99 -2.68 -16.02
N VAL A 60 -12.24 -1.91 -17.06
CA VAL A 60 -13.09 -2.34 -18.18
C VAL A 60 -12.40 -3.41 -19.04
N ASP A 67 -8.18 -11.78 -8.94
CA ASP A 67 -9.37 -12.28 -8.25
C ASP A 67 -9.95 -11.21 -7.35
N PRO A 68 -9.18 -10.72 -6.36
CA PRO A 68 -9.64 -9.44 -5.83
C PRO A 68 -9.64 -8.49 -7.01
N ILE A 69 -10.77 -7.89 -7.35
CA ILE A 69 -10.81 -7.02 -8.52
C ILE A 69 -9.93 -5.79 -8.33
N VAL A 70 -9.37 -5.35 -9.45
CA VAL A 70 -8.70 -4.06 -9.55
C VAL A 70 -9.64 -3.12 -10.30
N GLY A 71 -9.67 -1.86 -9.90
CA GLY A 71 -10.63 -0.92 -10.46
C GLY A 71 -10.09 0.49 -10.50
N THR A 72 -10.97 1.44 -10.81
CA THR A 72 -10.67 2.85 -10.55
C THR A 72 -11.79 3.43 -9.70
N CYS A 73 -11.46 4.50 -8.98
CA CYS A 73 -12.45 5.16 -8.13
C CYS A 73 -13.39 6.06 -8.92
N VAL A 74 -14.68 5.81 -8.77
CA VAL A 74 -15.69 6.55 -9.53
C VAL A 74 -16.75 7.03 -8.56
N LYS A 75 -17.18 8.28 -8.70
CA LYS A 75 -18.19 8.83 -7.81
C LYS A 75 -19.50 8.06 -7.91
N ILE A 76 -20.08 7.72 -6.78
CA ILE A 76 -21.38 7.05 -6.75
C ILE A 76 -22.47 8.09 -6.90
N PRO A 77 -23.32 7.96 -7.94
CA PRO A 77 -24.36 8.96 -8.23
C PRO A 77 -25.57 8.86 -7.30
N PHE B 1 -1.85 -13.85 -7.42
CA PHE B 1 -2.39 -12.63 -8.08
C PHE B 1 -1.64 -12.31 -9.37
N THR B 2 -2.38 -11.89 -10.40
CA THR B 2 -1.79 -11.48 -11.66
C THR B 2 -2.04 -10.00 -11.87
N CYS B 3 -0.96 -9.23 -12.06
CA CYS B 3 -1.09 -7.80 -12.31
C CYS B 3 -1.85 -7.50 -13.59
N PRO B 4 -2.56 -6.36 -13.60
CA PRO B 4 -3.15 -5.83 -14.84
C PRO B 4 -2.07 -5.16 -15.70
N GLU B 5 -2.41 -4.81 -16.94
CA GLU B 5 -1.53 -4.01 -17.76
C GLU B 5 -1.38 -2.68 -17.05
N CYS B 6 -0.15 -2.18 -16.96
CA CYS B 6 0.10 -0.93 -16.29
C CYS B 6 -0.34 0.26 -17.13
N ARG B 7 -1.18 1.10 -16.54
CA ARG B 7 -1.61 2.34 -17.18
C ARG B 7 -1.27 3.48 -16.24
N PRO B 8 -0.11 4.12 -16.46
CA PRO B 8 0.41 5.10 -15.49
C PRO B 8 -0.53 6.26 -15.23
N GLU B 9 -1.38 6.58 -16.20
CA GLU B 9 -2.37 7.64 -16.05
C GLU B 9 -3.34 7.35 -14.91
N LEU B 10 -3.47 6.08 -14.53
CA LEU B 10 -4.37 5.69 -13.44
C LEU B 10 -3.67 5.70 -12.07
N CYS B 11 -2.37 5.92 -12.07
CA CYS B 11 -1.64 5.99 -10.81
C CYS B 11 -1.89 7.30 -10.08
N GLY B 12 -1.98 7.23 -8.76
CA GLY B 12 -2.07 8.44 -7.95
C GLY B 12 -0.70 9.06 -7.73
N ASP B 13 -0.68 10.30 -7.25
CA ASP B 13 0.56 10.92 -6.77
C ASP B 13 0.96 10.24 -5.48
N PRO B 14 2.21 9.77 -5.40
CA PRO B 14 2.68 9.08 -4.18
C PRO B 14 2.93 10.00 -2.99
N GLY B 15 3.10 11.29 -3.27
CA GLY B 15 3.50 12.23 -2.26
C GLY B 15 5.02 12.32 -2.14
N TYR B 16 5.47 13.14 -1.20
CA TYR B 16 6.89 13.34 -1.02
C TYR B 16 7.43 12.32 -0.02
N CYS B 17 8.33 11.49 -0.50
CA CYS B 17 8.87 10.35 0.24
C CYS B 17 10.04 10.72 1.14
N GLU B 18 10.01 10.26 2.37
CA GLU B 18 11.13 10.42 3.28
C GLU B 18 12.29 9.55 2.83
N TYR B 19 12.01 8.38 2.27
CA TYR B 19 13.05 7.38 2.02
C TYR B 19 13.23 7.03 0.56
N GLY B 20 12.75 7.90 -0.32
CA GLY B 20 12.89 7.65 -1.74
C GLY B 20 11.72 6.94 -2.34
N THR B 21 11.69 6.90 -3.67
CA THR B 21 10.56 6.36 -4.41
C THR B 21 10.97 5.09 -5.11
N THR B 22 10.01 4.18 -5.25
CA THR B 22 10.17 2.94 -5.99
C THR B 22 8.87 2.70 -6.76
N LYS B 23 8.74 1.56 -7.43
CA LYS B 23 7.47 1.19 -8.05
C LYS B 23 6.77 0.11 -7.22
N ASP B 24 5.46 0.01 -7.39
CA ASP B 24 4.65 -1.00 -6.72
C ASP B 24 4.93 -2.42 -7.23
N ALA B 25 4.34 -3.41 -6.57
CA ALA B 25 4.63 -4.82 -6.83
C ALA B 25 4.39 -5.21 -8.28
N CYS B 26 3.62 -4.40 -9.00
CA CYS B 26 3.32 -4.65 -10.40
C CYS B 26 4.27 -3.86 -11.30
N ASP B 27 5.25 -3.23 -10.68
CA ASP B 27 6.21 -2.38 -11.37
C ASP B 27 5.48 -1.32 -12.20
N CYS B 28 4.44 -0.75 -11.60
CA CYS B 28 3.58 0.18 -12.32
C CYS B 28 3.59 1.59 -11.71
N CYS B 29 2.95 1.74 -10.55
CA CYS B 29 2.81 3.06 -9.95
C CYS B 29 3.93 3.38 -8.97
N PRO B 30 4.32 4.66 -8.93
CA PRO B 30 5.31 5.05 -7.92
C PRO B 30 4.71 4.98 -6.53
N VAL B 31 5.52 4.50 -5.59
CA VAL B 31 5.15 4.44 -4.19
C VAL B 31 6.39 4.80 -3.37
N CYS B 32 6.19 5.27 -2.15
CA CYS B 32 7.31 5.62 -1.29
C CYS B 32 7.85 4.40 -0.56
N PHE B 33 9.17 4.31 -0.44
CA PHE B 33 9.78 3.27 0.36
C PHE B 33 9.44 3.44 1.84
N GLN B 34 9.44 2.33 2.55
CA GLN B 34 9.41 2.32 4.00
C GLN B 34 10.85 2.36 4.52
N GLY B 35 11.07 3.03 5.66
CA GLY B 35 12.40 3.13 6.23
C GLY B 35 12.63 2.15 7.36
N PRO B 36 13.82 2.23 7.98
CA PRO B 36 14.20 1.27 9.02
C PRO B 36 13.17 1.29 10.15
N GLY B 37 12.77 0.09 10.57
CA GLY B 37 11.88 -0.06 11.70
C GLY B 37 10.40 0.03 11.38
N GLY B 38 10.05 0.39 10.14
CA GLY B 38 8.65 0.43 9.73
C GLY B 38 8.16 -0.89 9.19
N TYR B 39 6.85 -1.06 9.22
CA TYR B 39 6.22 -2.25 8.68
C TYR B 39 6.56 -2.48 7.23
N CYS B 40 6.54 -3.74 6.82
CA CYS B 40 6.75 -4.11 5.43
C CYS B 40 6.11 -5.46 5.11
N GLY B 41 5.88 -5.71 3.83
CA GLY B 41 5.47 -7.01 3.39
C GLY B 41 3.97 -7.17 3.26
N GLY B 42 3.49 -8.36 3.55
CA GLY B 42 2.12 -8.72 3.24
C GLY B 42 1.90 -8.90 1.74
N PRO B 43 0.67 -9.23 1.35
CA PRO B 43 0.35 -9.46 -0.07
C PRO B 43 0.74 -8.27 -0.93
N GLU B 44 1.51 -8.51 -1.98
CA GLU B 44 1.91 -7.45 -2.90
C GLU B 44 2.55 -6.28 -2.18
N ASP B 45 3.21 -6.59 -1.07
CA ASP B 45 3.92 -5.62 -0.24
C ASP B 45 3.01 -4.47 0.22
N VAL B 46 1.74 -4.77 0.45
CA VAL B 46 0.76 -3.74 0.84
C VAL B 46 1.18 -2.94 2.08
N PHE B 47 1.91 -3.58 3.01
CA PHE B 47 2.27 -2.91 4.26
C PHE B 47 3.58 -2.13 4.17
N GLY B 48 4.29 -2.33 3.07
CA GLY B 48 5.48 -1.57 2.81
C GLY B 48 6.42 -2.28 1.86
N ILE B 49 7.34 -1.48 1.32
CA ILE B 49 8.49 -1.95 0.57
C ILE B 49 9.73 -1.27 1.16
N CYS B 50 10.69 -2.06 1.62
CA CYS B 50 11.86 -1.50 2.27
C CYS B 50 12.82 -0.81 1.31
N ALA B 51 13.32 0.32 1.77
CA ALA B 51 14.30 1.11 1.06
C ALA B 51 15.55 0.31 0.74
N ASP B 52 16.29 0.81 -0.24
CA ASP B 52 17.56 0.23 -0.61
C ASP B 52 18.46 0.18 0.63
N GLY B 53 19.11 -0.96 0.85
CA GLY B 53 20.00 -1.11 1.99
C GLY B 53 19.33 -1.79 3.16
N PHE B 54 18.02 -2.03 3.04
CA PHE B 54 17.25 -2.66 4.11
C PHE B 54 16.45 -3.81 3.55
N ALA B 55 16.12 -4.77 4.41
CA ALA B 55 15.31 -5.92 4.05
C ALA B 55 14.16 -6.14 5.02
N CYS B 56 13.10 -6.79 4.55
CA CYS B 56 11.94 -7.04 5.37
C CYS B 56 12.15 -8.33 6.17
N VAL B 57 12.26 -8.18 7.49
CA VAL B 57 12.52 -9.29 8.41
C VAL B 57 11.24 -9.61 9.16
N PRO B 58 10.83 -10.89 9.15
CA PRO B 58 9.54 -11.21 9.77
C PRO B 58 9.39 -10.82 11.23
N LEU B 59 8.18 -10.43 11.61
CA LEU B 59 7.83 -10.21 13.00
C LEU B 59 8.05 -11.49 13.83
N VAL B 60 8.37 -11.31 15.10
CA VAL B 60 8.62 -12.42 16.00
C VAL B 60 7.33 -13.24 16.13
N GLY B 61 7.44 -14.54 15.96
CA GLY B 61 6.30 -15.43 16.09
C GLY B 61 5.61 -15.75 14.78
N GLU B 62 6.01 -15.08 13.72
CA GLU B 62 5.42 -15.34 12.42
C GLU B 62 5.81 -16.72 11.91
N ARG B 63 4.88 -17.37 11.20
CA ARG B 63 5.17 -18.64 10.55
C ARG B 63 4.75 -18.56 9.10
N ASP B 64 5.23 -19.51 8.29
CA ASP B 64 4.91 -19.54 6.86
C ASP B 64 3.45 -19.18 6.58
N PRO B 68 2.59 -14.04 1.92
CA PRO B 68 3.92 -13.50 2.25
C PRO B 68 4.03 -12.99 3.68
N ILE B 69 5.24 -12.89 4.22
CA ILE B 69 5.41 -12.44 5.59
C ILE B 69 5.20 -10.95 5.73
N VAL B 70 4.78 -10.56 6.93
CA VAL B 70 4.80 -9.17 7.36
C VAL B 70 6.02 -9.05 8.26
N GLY B 71 6.69 -7.91 8.17
CA GLY B 71 7.89 -7.71 8.95
C GLY B 71 8.13 -6.25 9.24
N THR B 72 9.38 -5.95 9.60
CA THR B 72 9.88 -4.59 9.64
C THR B 72 11.18 -4.50 8.87
N CYS B 73 11.53 -3.29 8.45
CA CYS B 73 12.72 -3.07 7.66
C CYS B 73 13.96 -2.97 8.52
N VAL B 74 14.96 -3.77 8.18
CA VAL B 74 16.17 -3.88 8.97
C VAL B 74 17.39 -3.78 8.05
N LYS B 75 18.42 -3.09 8.52
CA LYS B 75 19.65 -2.92 7.75
C LYS B 75 20.41 -4.23 7.68
N ILE B 76 20.68 -4.66 6.46
CA ILE B 76 21.28 -5.97 6.19
C ILE B 76 22.74 -5.83 5.78
N PRO B 77 23.53 -6.88 6.02
CA PRO B 77 24.95 -6.87 5.64
C PRO B 77 25.17 -6.50 4.18
C ACT C . -1.34 -0.80 -9.88
O ACT C . -1.66 0.16 -9.14
OXT ACT C . -0.13 -1.08 -9.94
CH3 ACT C . -2.36 -1.57 -10.66
H1 ACT C . -3.09 -2.02 -9.98
H2 ACT C . -2.88 -0.90 -11.35
H3 ACT C . -1.87 -2.35 -11.24
C ACT D . 0.18 -3.07 9.00
O ACT D . 0.89 -2.28 8.35
OXT ACT D . -1.05 -2.81 9.05
CH3 ACT D . 0.74 -4.29 9.66
H1 ACT D . 1.21 -4.92 8.91
H2 ACT D . 1.49 -3.98 10.40
H3 ACT D . -0.06 -4.84 10.15
#